data_1UL3
#
_entry.id   1UL3
#
_cell.length_a   129.569
_cell.length_b   129.569
_cell.length_c   74.329
_cell.angle_alpha   90.00
_cell.angle_beta   90.00
_cell.angle_gamma   120.00
#
_symmetry.space_group_name_H-M   'H 3'
#
loop_
_entity.id
_entity.type
_entity.pdbx_description
1 polymer 'Nitrogen regulatory protein P-II'
2 non-polymer GLYCEROL
3 non-polymer 'CALCIUM ION'
4 water water
#
_entity_poly.entity_id   1
_entity_poly.type   'polypeptide(L)'
_entity_poly.pdbx_seq_one_letter_code
;MKKVEAIIRPFKLDEVKIALVNAGIVGMTVSEVRGFGRQKGQTERYRGSEYTVEFLQKLKIEIVVDEGQVDMVVDKLVSA
ARTGEIGDGKIFISPVDSVVRIRTGEKDTEAI
;
_entity_poly.pdbx_strand_id   A,B,C,D
#
# COMPACT_ATOMS: atom_id res chain seq x y z
N MET A 1 0.55 -12.18 -5.94
CA MET A 1 0.06 -12.32 -4.53
C MET A 1 0.09 -10.93 -3.88
N LYS A 2 -1.06 -10.46 -3.44
CA LYS A 2 -1.17 -9.14 -2.83
C LYS A 2 -1.82 -9.10 -1.46
N LYS A 3 -1.31 -8.20 -0.63
CA LYS A 3 -1.83 -7.98 0.71
C LYS A 3 -2.91 -6.91 0.57
N VAL A 4 -4.09 -7.20 1.08
CA VAL A 4 -5.19 -6.24 1.03
C VAL A 4 -5.50 -5.87 2.48
N GLU A 5 -5.25 -4.60 2.81
CA GLU A 5 -5.48 -4.09 4.14
C GLU A 5 -6.61 -3.09 4.10
N ALA A 6 -7.75 -3.45 4.70
CA ALA A 6 -8.91 -2.57 4.73
C ALA A 6 -9.18 -2.00 6.10
N ILE A 7 -9.27 -0.68 6.18
CA ILE A 7 -9.53 0.02 7.43
C ILE A 7 -10.98 0.45 7.27
N ILE A 8 -11.85 -0.18 8.05
CA ILE A 8 -13.29 0.06 7.93
C ILE A 8 -14.01 0.44 9.22
N ARG A 9 -15.23 0.96 9.08
CA ARG A 9 -16.04 1.32 10.24
C ARG A 9 -16.31 -0.02 10.92
N PRO A 10 -16.24 -0.09 12.25
CA PRO A 10 -16.48 -1.33 13.00
C PRO A 10 -17.78 -2.07 12.66
N PHE A 11 -18.87 -1.33 12.52
CA PHE A 11 -20.15 -1.95 12.22
C PHE A 11 -20.26 -2.54 10.81
N LYS A 12 -19.21 -2.40 10.02
CA LYS A 12 -19.21 -2.96 8.66
C LYS A 12 -18.58 -4.35 8.58
N LEU A 13 -18.06 -4.84 9.71
CA LEU A 13 -17.40 -6.15 9.77
C LEU A 13 -18.25 -7.28 9.20
N ASP A 14 -19.46 -7.45 9.74
CA ASP A 14 -20.31 -8.53 9.26
C ASP A 14 -20.59 -8.50 7.76
N GLU A 15 -20.90 -7.32 7.22
N GLU A 15 -20.89 -7.31 7.24
CA GLU A 15 -21.16 -7.16 5.80
CA GLU A 15 -21.17 -7.12 5.82
C GLU A 15 -19.93 -7.54 4.98
C GLU A 15 -19.96 -7.42 4.95
N VAL A 16 -18.77 -7.13 5.48
CA VAL A 16 -17.52 -7.39 4.79
C VAL A 16 -17.21 -8.87 4.86
N LYS A 17 -17.43 -9.48 6.03
CA LYS A 17 -17.19 -10.90 6.20
C LYS A 17 -18.04 -11.68 5.19
N ILE A 18 -19.31 -11.32 5.07
CA ILE A 18 -20.22 -11.98 4.14
C ILE A 18 -19.73 -11.79 2.70
N ALA A 19 -19.34 -10.56 2.37
CA ALA A 19 -18.85 -10.24 1.02
C ALA A 19 -17.66 -11.12 0.66
N LEU A 20 -16.69 -11.21 1.58
CA LEU A 20 -15.48 -12.01 1.37
C LEU A 20 -15.77 -13.50 1.28
N VAL A 21 -16.66 -14.00 2.15
CA VAL A 21 -17.02 -15.42 2.15
C VAL A 21 -17.54 -15.86 0.78
N ASN A 22 -18.64 -15.25 0.32
CA ASN A 22 -19.18 -15.62 -1.00
C ASN A 22 -18.30 -15.18 -2.16
N ALA A 23 -17.15 -14.60 -1.85
CA ALA A 23 -16.20 -14.18 -2.88
C ALA A 23 -15.08 -15.20 -2.98
N GLY A 24 -15.19 -16.25 -2.17
CA GLY A 24 -14.21 -17.31 -2.17
C GLY A 24 -12.97 -17.01 -1.34
N ILE A 25 -13.06 -16.00 -0.47
CA ILE A 25 -11.93 -15.64 0.38
C ILE A 25 -12.03 -16.42 1.67
N VAL A 26 -11.02 -17.22 1.95
CA VAL A 26 -10.99 -18.02 3.17
C VAL A 26 -9.89 -17.51 4.08
N GLY A 27 -10.28 -17.03 5.25
CA GLY A 27 -9.31 -16.52 6.19
C GLY A 27 -9.03 -15.04 6.08
N MET A 28 -9.03 -14.38 7.23
CA MET A 28 -8.77 -12.96 7.33
C MET A 28 -8.39 -12.70 8.77
N THR A 29 -7.65 -11.63 9.01
CA THR A 29 -7.27 -11.27 10.37
C THR A 29 -7.86 -9.90 10.63
N VAL A 30 -8.43 -9.72 11.81
CA VAL A 30 -9.07 -8.45 12.15
C VAL A 30 -8.50 -7.89 13.44
N SER A 31 -8.27 -6.59 13.45
CA SER A 31 -7.75 -5.94 14.64
C SER A 31 -8.37 -4.57 14.81
N GLU A 32 -8.37 -4.09 16.04
CA GLU A 32 -8.90 -2.78 16.36
C GLU A 32 -7.83 -1.73 16.17
N VAL A 33 -8.18 -0.64 15.51
CA VAL A 33 -7.24 0.46 15.27
C VAL A 33 -8.02 1.76 15.40
N ARG A 34 -7.28 2.88 15.36
CA ARG A 34 -7.89 4.19 15.41
C ARG A 34 -7.51 4.89 14.11
N GLY A 35 -8.51 5.41 13.42
CA GLY A 35 -8.27 6.12 12.18
C GLY A 35 -8.37 7.61 12.47
N PHE A 36 -7.27 8.32 12.26
CA PHE A 36 -7.26 9.77 12.49
C PHE A 36 -7.52 10.46 11.18
N GLU A 54 -10.21 13.84 14.16
CA GLU A 54 -9.28 13.18 15.13
C GLU A 54 -9.54 11.67 15.19
N PHE A 55 -9.31 11.06 16.36
CA PHE A 55 -9.50 9.62 16.53
C PHE A 55 -10.94 9.10 16.35
N LEU A 56 -11.04 7.97 15.64
CA LEU A 56 -12.31 7.32 15.35
C LEU A 56 -12.00 5.81 15.33
N GLN A 57 -12.74 5.01 16.10
CA GLN A 57 -12.51 3.58 16.15
C GLN A 57 -12.79 2.91 14.80
N LYS A 58 -11.85 2.09 14.36
CA LYS A 58 -11.97 1.39 13.09
C LYS A 58 -11.50 -0.04 13.25
N LEU A 59 -11.70 -0.85 12.24
CA LEU A 59 -11.24 -2.23 12.25
C LEU A 59 -10.31 -2.42 11.07
N LYS A 60 -9.19 -3.08 11.32
CA LYS A 60 -8.22 -3.35 10.28
C LYS A 60 -8.39 -4.78 9.85
N ILE A 61 -8.72 -4.98 8.58
CA ILE A 61 -8.90 -6.32 8.03
C ILE A 61 -7.75 -6.61 7.08
N GLU A 62 -7.04 -7.70 7.35
N GLU A 62 -7.03 -7.70 7.33
CA GLU A 62 -5.90 -8.11 6.52
CA GLU A 62 -5.93 -8.09 6.47
C GLU A 62 -6.19 -9.44 5.82
C GLU A 62 -6.21 -9.42 5.81
N ILE A 63 -6.02 -9.47 4.50
CA ILE A 63 -6.22 -10.69 3.73
C ILE A 63 -5.13 -10.73 2.66
N VAL A 64 -4.73 -11.92 2.26
CA VAL A 64 -3.71 -12.06 1.23
C VAL A 64 -4.36 -12.91 0.15
N VAL A 65 -4.54 -12.31 -1.02
CA VAL A 65 -5.17 -12.97 -2.15
C VAL A 65 -4.28 -13.05 -3.39
N ASP A 66 -4.71 -13.86 -4.35
CA ASP A 66 -3.98 -14.03 -5.61
C ASP A 66 -4.19 -12.78 -6.47
N GLU A 67 -3.22 -12.50 -7.33
CA GLU A 67 -3.31 -11.33 -8.21
C GLU A 67 -4.63 -11.23 -8.96
N GLY A 68 -5.10 -12.37 -9.49
CA GLY A 68 -6.35 -12.39 -10.23
C GLY A 68 -7.61 -12.19 -9.40
N GLN A 69 -7.47 -12.13 -8.08
CA GLN A 69 -8.61 -11.93 -7.18
C GLN A 69 -8.68 -10.51 -6.62
N VAL A 70 -7.56 -9.81 -6.64
CA VAL A 70 -7.47 -8.45 -6.09
C VAL A 70 -8.58 -7.49 -6.51
N ASP A 71 -8.67 -7.21 -7.81
CA ASP A 71 -9.67 -6.28 -8.32
C ASP A 71 -11.09 -6.63 -7.88
N MET A 72 -11.40 -7.92 -7.91
CA MET A 72 -12.73 -8.41 -7.51
C MET A 72 -12.94 -8.21 -6.02
N VAL A 73 -11.96 -8.63 -5.21
CA VAL A 73 -12.04 -8.50 -3.76
C VAL A 73 -12.16 -7.05 -3.29
N VAL A 74 -11.41 -6.16 -3.93
CA VAL A 74 -11.44 -4.74 -3.59
C VAL A 74 -12.82 -4.18 -3.90
N ASP A 75 -13.36 -4.52 -5.06
CA ASP A 75 -14.69 -4.04 -5.45
C ASP A 75 -15.73 -4.45 -4.42
N LYS A 76 -15.71 -5.73 -4.04
CA LYS A 76 -16.65 -6.27 -3.06
C LYS A 76 -16.46 -5.61 -1.70
N LEU A 77 -15.20 -5.34 -1.34
CA LEU A 77 -14.89 -4.69 -0.07
C LEU A 77 -15.47 -3.28 -0.02
N VAL A 78 -15.28 -2.53 -1.10
CA VAL A 78 -15.77 -1.16 -1.19
C VAL A 78 -17.30 -1.11 -1.12
N SER A 79 -17.94 -2.01 -1.86
CA SER A 79 -19.41 -2.09 -1.89
C SER A 79 -19.95 -2.41 -0.49
N ALA A 80 -19.24 -3.28 0.22
CA ALA A 80 -19.65 -3.68 1.56
C ALA A 80 -19.42 -2.62 2.64
N ALA A 81 -18.23 -2.01 2.64
CA ALA A 81 -17.85 -1.01 3.66
C ALA A 81 -18.31 0.43 3.50
N ARG A 82 -18.66 0.84 2.28
CA ARG A 82 -19.07 2.21 2.03
C ARG A 82 -20.44 2.63 2.59
N THR A 83 -20.52 3.91 2.97
CA THR A 83 -21.75 4.51 3.47
C THR A 83 -21.95 5.81 2.69
N GLY A 84 -20.86 6.36 2.18
CA GLY A 84 -20.92 7.59 1.42
C GLY A 84 -20.51 8.80 2.24
N GLU A 85 -20.44 8.61 3.56
CA GLU A 85 -20.06 9.68 4.47
C GLU A 85 -18.55 9.71 4.67
N ILE A 86 -18.02 10.89 4.97
CA ILE A 86 -16.59 11.05 5.21
C ILE A 86 -16.19 10.17 6.39
N GLY A 87 -15.08 9.44 6.22
CA GLY A 87 -14.61 8.55 7.27
C GLY A 87 -14.89 7.07 7.05
N ASP A 88 -15.21 6.70 5.82
CA ASP A 88 -15.51 5.31 5.48
C ASP A 88 -14.27 4.42 5.51
N GLY A 89 -13.10 5.04 5.49
CA GLY A 89 -11.86 4.28 5.52
C GLY A 89 -11.08 4.18 4.22
N LYS A 90 -10.07 3.31 4.24
CA LYS A 90 -9.18 3.09 3.13
C LYS A 90 -8.83 1.61 2.97
N ILE A 91 -8.34 1.28 1.78
CA ILE A 91 -7.87 -0.06 1.48
C ILE A 91 -6.50 0.12 0.83
N PHE A 92 -5.49 -0.51 1.43
CA PHE A 92 -4.12 -0.46 0.91
C PHE A 92 -3.80 -1.81 0.30
N ILE A 93 -3.29 -1.79 -0.93
CA ILE A 93 -2.91 -3.02 -1.64
C ILE A 93 -1.39 -3.02 -1.79
N SER A 94 -0.72 -4.05 -1.27
CA SER A 94 0.73 -4.14 -1.36
C SER A 94 1.22 -5.53 -1.76
N PRO A 95 2.48 -5.63 -2.22
CA PRO A 95 3.00 -6.95 -2.61
C PRO A 95 3.34 -7.88 -1.45
N VAL A 96 3.16 -9.16 -1.70
CA VAL A 96 3.49 -10.21 -0.74
C VAL A 96 4.31 -11.21 -1.55
N ASP A 97 5.53 -11.47 -1.11
CA ASP A 97 6.41 -12.39 -1.83
C ASP A 97 5.97 -13.82 -1.69
N SER A 98 5.64 -14.23 -0.47
CA SER A 98 5.20 -15.59 -0.23
C SER A 98 4.35 -15.73 1.03
N VAL A 99 3.68 -16.87 1.14
CA VAL A 99 2.84 -17.19 2.27
C VAL A 99 3.30 -18.56 2.74
N VAL A 100 3.57 -18.69 4.03
CA VAL A 100 4.02 -19.97 4.57
C VAL A 100 3.02 -20.51 5.58
N ARG A 101 2.49 -21.70 5.30
CA ARG A 101 1.54 -22.35 6.19
C ARG A 101 2.38 -22.90 7.35
N ILE A 102 2.05 -22.48 8.56
CA ILE A 102 2.81 -22.91 9.73
C ILE A 102 2.77 -24.41 10.00
N ARG A 103 1.58 -25.00 9.95
CA ARG A 103 1.41 -26.43 10.20
C ARG A 103 2.30 -27.34 9.35
N THR A 104 2.18 -27.23 8.04
CA THR A 104 2.95 -28.06 7.11
C THR A 104 4.31 -27.50 6.71
N GLY A 105 4.46 -26.18 6.78
CA GLY A 105 5.71 -25.55 6.38
C GLY A 105 5.73 -25.28 4.90
N GLU A 106 4.60 -25.49 4.24
CA GLU A 106 4.48 -25.27 2.80
C GLU A 106 4.56 -23.79 2.45
N LYS A 107 5.54 -23.43 1.62
CA LYS A 107 5.74 -22.07 1.17
C LYS A 107 5.05 -21.88 -0.18
N ASP A 108 4.13 -20.92 -0.24
CA ASP A 108 3.39 -20.66 -1.46
C ASP A 108 3.80 -19.34 -2.07
N THR A 109 4.17 -19.37 -3.35
CA THR A 109 4.56 -18.18 -4.08
C THR A 109 3.67 -18.05 -5.29
N GLU A 110 3.37 -16.81 -5.65
CA GLU A 110 2.50 -16.55 -6.78
C GLU A 110 3.09 -15.44 -7.64
N ALA A 111 3.23 -15.71 -8.93
CA ALA A 111 3.78 -14.73 -9.85
C ALA A 111 3.18 -14.85 -11.24
N ILE A 112 3.54 -13.90 -12.10
CA ILE A 112 3.08 -13.86 -13.48
C ILE A 112 4.25 -13.37 -14.32
N MET B 1 15.87 -6.50 2.60
CA MET B 1 15.00 -6.63 3.81
C MET B 1 13.61 -7.13 3.45
N LYS B 2 13.06 -7.94 4.35
CA LYS B 2 11.73 -8.47 4.18
C LYS B 2 11.00 -8.39 5.50
N LYS B 3 9.70 -8.07 5.42
CA LYS B 3 8.88 -8.04 6.61
C LYS B 3 8.35 -9.46 6.75
N VAL B 4 8.41 -10.00 7.96
CA VAL B 4 7.91 -11.33 8.22
C VAL B 4 6.78 -11.16 9.22
N GLU B 5 5.57 -11.52 8.80
N GLU B 5 5.58 -11.52 8.79
CA GLU B 5 4.38 -11.42 9.63
CA GLU B 5 4.39 -11.44 9.62
C GLU B 5 3.84 -12.81 9.95
C GLU B 5 3.89 -12.85 9.93
N ALA B 6 3.93 -13.21 11.21
CA ALA B 6 3.45 -14.52 11.62
C ALA B 6 2.20 -14.38 12.47
N ILE B 7 1.15 -15.08 12.07
CA ILE B 7 -0.12 -15.08 12.79
C ILE B 7 -0.10 -16.42 13.53
N ILE B 8 0.16 -16.38 14.82
CA ILE B 8 0.27 -17.60 15.60
C ILE B 8 -0.73 -17.72 16.75
N ARG B 9 -0.79 -18.92 17.34
CA ARG B 9 -1.66 -19.16 18.48
C ARG B 9 -1.03 -18.37 19.63
N PRO B 10 -1.86 -17.71 20.46
CA PRO B 10 -1.35 -16.91 21.58
C PRO B 10 -0.33 -17.57 22.50
N PHE B 11 -0.54 -18.85 22.79
CA PHE B 11 0.36 -19.59 23.67
C PHE B 11 1.71 -19.95 23.06
N LYS B 12 1.90 -19.64 21.79
CA LYS B 12 3.16 -19.94 21.11
C LYS B 12 4.14 -18.78 21.15
N LEU B 13 3.72 -17.65 21.72
CA LEU B 13 4.56 -16.46 21.80
C LEU B 13 5.93 -16.69 22.42
N ASP B 14 5.96 -17.30 23.61
CA ASP B 14 7.24 -17.54 24.28
C ASP B 14 8.25 -18.39 23.50
N GLU B 15 7.85 -19.55 22.99
N GLU B 15 7.86 -19.55 23.00
CA GLU B 15 8.78 -20.38 22.24
CA GLU B 15 8.83 -20.37 22.26
C GLU B 15 9.19 -19.74 20.92
C GLU B 15 9.19 -19.75 20.91
N VAL B 16 8.34 -18.85 20.41
CA VAL B 16 8.63 -18.15 19.16
C VAL B 16 9.65 -17.08 19.51
N LYS B 17 9.44 -16.42 20.66
CA LYS B 17 10.36 -15.39 21.11
C LYS B 17 11.75 -15.99 21.32
N ILE B 18 11.80 -17.15 21.96
CA ILE B 18 13.07 -17.83 22.21
C ILE B 18 13.75 -18.18 20.88
N ALA B 19 12.96 -18.72 19.95
CA ALA B 19 13.47 -19.11 18.65
C ALA B 19 14.06 -17.92 17.90
N LEU B 20 13.42 -16.76 18.04
CA LEU B 20 13.88 -15.53 17.41
C LEU B 20 15.15 -15.01 18.06
N VAL B 21 15.19 -15.01 19.39
CA VAL B 21 16.36 -14.54 20.13
C VAL B 21 17.58 -15.39 19.77
N ASN B 22 17.43 -16.71 19.84
CA ASN B 22 18.51 -17.65 19.53
C ASN B 22 18.91 -17.60 18.06
N ALA B 23 18.06 -16.99 17.24
CA ALA B 23 18.32 -16.88 15.81
C ALA B 23 19.01 -15.57 15.45
N GLY B 24 19.28 -14.75 16.47
CA GLY B 24 19.95 -13.48 16.24
C GLY B 24 19.03 -12.31 15.90
N ILE B 25 17.73 -12.50 16.00
CA ILE B 25 16.78 -11.42 15.71
C ILE B 25 16.58 -10.57 16.95
N VAL B 26 16.91 -9.29 16.84
CA VAL B 26 16.74 -8.38 17.96
C VAL B 26 15.57 -7.45 17.66
N GLY B 27 14.48 -7.63 18.41
CA GLY B 27 13.33 -6.77 18.21
C GLY B 27 12.24 -7.36 17.33
N MET B 28 11.03 -7.30 17.86
CA MET B 28 9.84 -7.79 17.17
C MET B 28 8.67 -7.04 17.77
N THR B 29 7.59 -6.97 17.00
CA THR B 29 6.38 -6.27 17.42
C THR B 29 5.25 -7.30 17.51
N VAL B 30 4.46 -7.23 18.56
CA VAL B 30 3.38 -8.18 18.75
C VAL B 30 2.05 -7.47 18.98
N SER B 31 1.00 -7.99 18.35
CA SER B 31 -0.31 -7.40 18.52
C SER B 31 -1.38 -8.48 18.53
N GLU B 32 -2.51 -8.18 19.16
CA GLU B 32 -3.63 -9.11 19.25
C GLU B 32 -4.54 -8.94 18.05
N VAL B 33 -4.90 -10.06 17.43
CA VAL B 33 -5.80 -10.03 16.29
C VAL B 33 -6.78 -11.20 16.42
N ARG B 34 -7.82 -11.17 15.62
CA ARG B 34 -8.81 -12.25 15.58
C ARG B 34 -8.67 -12.89 14.21
N GLY B 35 -8.35 -14.18 14.21
CA GLY B 35 -8.19 -14.89 12.96
C GLY B 35 -9.46 -15.63 12.61
N PHE B 36 -10.08 -15.24 11.50
CA PHE B 36 -11.31 -15.88 11.04
C PHE B 36 -11.00 -16.98 10.02
N PHE B 55 -14.68 -16.79 15.79
CA PHE B 55 -13.31 -16.34 15.67
C PHE B 55 -12.39 -17.02 16.69
N LEU B 56 -11.09 -16.91 16.46
CA LEU B 56 -10.08 -17.49 17.35
C LEU B 56 -9.05 -16.40 17.63
N GLN B 57 -8.77 -16.17 18.91
CA GLN B 57 -7.77 -15.17 19.29
C GLN B 57 -6.42 -15.59 18.75
N LYS B 58 -5.72 -14.67 18.10
CA LYS B 58 -4.41 -14.94 17.52
C LYS B 58 -3.43 -13.82 17.86
N LEU B 59 -2.15 -14.08 17.64
CA LEU B 59 -1.12 -13.08 17.89
C LEU B 59 -0.37 -12.78 16.61
N LYS B 60 -0.24 -11.50 16.29
CA LYS B 60 0.49 -11.10 15.10
C LYS B 60 1.90 -10.66 15.47
N ILE B 61 2.89 -11.35 14.94
CA ILE B 61 4.28 -11.01 15.21
C ILE B 61 4.89 -10.41 13.94
N GLU B 62 5.51 -9.25 14.10
N GLU B 62 5.50 -9.24 14.10
CA GLU B 62 6.13 -8.53 12.99
CA GLU B 62 6.13 -8.55 12.98
C GLU B 62 7.62 -8.35 13.23
C GLU B 62 7.62 -8.35 13.22
N ILE B 63 8.43 -8.76 12.25
CA ILE B 63 9.88 -8.61 12.32
C ILE B 63 10.36 -8.27 10.91
N VAL B 64 11.41 -7.46 10.83
CA VAL B 64 11.98 -7.06 9.55
C VAL B 64 13.43 -7.50 9.57
N VAL B 65 13.77 -8.45 8.71
CA VAL B 65 15.12 -9.00 8.66
C VAL B 65 15.77 -8.92 7.28
N ASP B 66 17.09 -9.10 7.26
CA ASP B 66 17.87 -9.07 6.02
C ASP B 66 17.56 -10.29 5.17
N GLU B 67 17.80 -10.16 3.87
CA GLU B 67 17.56 -11.22 2.90
C GLU B 67 18.17 -12.56 3.28
N GLY B 68 19.39 -12.52 3.81
CA GLY B 68 20.10 -13.73 4.20
C GLY B 68 19.47 -14.58 5.29
N GLN B 69 18.87 -13.94 6.29
CA GLN B 69 18.26 -14.68 7.39
C GLN B 69 16.77 -14.97 7.26
N VAL B 70 16.15 -14.52 6.17
CA VAL B 70 14.71 -14.75 5.97
C VAL B 70 14.33 -16.23 6.03
N ASP B 71 14.95 -17.05 5.17
CA ASP B 71 14.66 -18.48 5.13
C ASP B 71 14.88 -19.16 6.48
N MET B 72 15.94 -18.76 7.17
CA MET B 72 16.26 -19.31 8.49
C MET B 72 15.20 -18.95 9.52
N VAL B 73 14.84 -17.67 9.58
CA VAL B 73 13.85 -17.18 10.52
C VAL B 73 12.50 -17.86 10.31
N VAL B 74 12.05 -17.94 9.06
CA VAL B 74 10.78 -18.58 8.74
C VAL B 74 10.76 -20.02 9.24
N ASP B 75 11.84 -20.76 8.98
CA ASP B 75 11.94 -22.15 9.41
C ASP B 75 11.91 -22.27 10.92
N LYS B 76 12.57 -21.33 11.61
CA LYS B 76 12.60 -21.31 13.07
C LYS B 76 11.20 -20.96 13.59
N LEU B 77 10.54 -20.03 12.92
CA LEU B 77 9.19 -19.61 13.28
C LEU B 77 8.19 -20.73 13.10
N VAL B 78 8.31 -21.46 11.99
CA VAL B 78 7.42 -22.58 11.72
C VAL B 78 7.59 -23.66 12.79
N SER B 79 8.84 -24.01 13.10
CA SER B 79 9.14 -25.02 14.11
C SER B 79 8.60 -24.64 15.49
N ALA B 80 8.83 -23.40 15.87
CA ALA B 80 8.38 -22.90 17.17
C ALA B 80 6.87 -22.69 17.29
N ALA B 81 6.24 -22.17 16.24
CA ALA B 81 4.80 -21.92 16.25
C ALA B 81 3.92 -23.12 15.92
N ARG B 82 4.53 -24.15 15.33
CA ARG B 82 3.81 -25.36 14.93
C ARG B 82 3.31 -26.25 16.07
N THR B 83 2.10 -26.80 15.90
CA THR B 83 1.52 -27.71 16.87
C THR B 83 1.12 -28.99 16.14
N GLY B 84 0.66 -28.83 14.90
CA GLY B 84 0.26 -29.98 14.10
C GLY B 84 -1.22 -29.99 13.76
N GLU B 85 -2.02 -29.31 14.58
CA GLU B 85 -3.46 -29.25 14.36
C GLU B 85 -3.87 -28.06 13.50
N ILE B 86 -5.11 -28.09 13.00
CA ILE B 86 -5.64 -27.03 12.16
C ILE B 86 -5.83 -25.72 12.93
N GLY B 87 -5.29 -24.64 12.37
CA GLY B 87 -5.39 -23.33 13.00
C GLY B 87 -4.04 -22.83 13.48
N ASP B 88 -2.96 -23.42 12.96
CA ASP B 88 -1.61 -23.03 13.33
C ASP B 88 -1.20 -21.66 12.83
N GLY B 89 -1.95 -21.12 11.86
CA GLY B 89 -1.65 -19.81 11.32
C GLY B 89 -0.82 -19.80 10.07
N LYS B 90 -0.36 -18.61 9.68
CA LYS B 90 0.43 -18.45 8.47
C LYS B 90 1.51 -17.36 8.61
N ILE B 91 2.54 -17.46 7.80
CA ILE B 91 3.61 -16.46 7.81
C ILE B 91 3.61 -15.77 6.45
N PHE B 92 3.53 -14.45 6.46
CA PHE B 92 3.53 -13.66 5.23
C PHE B 92 4.87 -12.95 5.09
N ILE B 93 5.48 -13.05 3.92
CA ILE B 93 6.75 -12.39 3.64
C ILE B 93 6.53 -11.28 2.62
N SER B 94 6.91 -10.06 2.96
CA SER B 94 6.74 -8.91 2.06
C SER B 94 7.96 -8.00 2.01
N PRO B 95 8.12 -7.25 0.92
CA PRO B 95 9.26 -6.34 0.77
C PRO B 95 9.23 -5.08 1.64
N VAL B 96 10.40 -4.70 2.12
CA VAL B 96 10.57 -3.48 2.90
C VAL B 96 11.80 -2.82 2.30
N ASP B 97 11.67 -1.57 1.87
CA ASP B 97 12.78 -0.86 1.25
C ASP B 97 13.82 -0.37 2.24
N SER B 98 13.35 0.26 3.30
CA SER B 98 14.26 0.82 4.29
C SER B 98 13.75 0.72 5.71
N VAL B 99 14.68 0.87 6.64
CA VAL B 99 14.39 0.85 8.07
C VAL B 99 15.12 2.07 8.62
N VAL B 100 14.41 2.86 9.42
CA VAL B 100 14.99 4.05 10.01
C VAL B 100 14.95 3.91 11.53
N ARG B 101 16.10 4.10 12.17
CA ARG B 101 16.18 4.03 13.62
C ARG B 101 15.85 5.43 14.10
N ILE B 102 14.72 5.57 14.78
CA ILE B 102 14.25 6.87 15.27
C ILE B 102 15.25 7.63 16.16
N ARG B 103 15.84 6.93 17.12
CA ARG B 103 16.79 7.54 18.06
C ARG B 103 17.93 8.31 17.39
N THR B 104 18.50 7.73 16.34
CA THR B 104 19.62 8.35 15.63
C THR B 104 19.30 8.94 14.27
N GLY B 105 18.14 8.57 13.70
CA GLY B 105 17.78 9.07 12.40
C GLY B 105 18.47 8.26 11.31
N GLU B 106 19.16 7.21 11.74
CA GLU B 106 19.89 6.30 10.86
C GLU B 106 18.96 5.55 9.92
N LYS B 107 19.18 5.73 8.62
CA LYS B 107 18.36 5.08 7.61
C LYS B 107 19.14 3.99 6.85
N ASP B 108 18.66 2.76 6.96
CA ASP B 108 19.27 1.61 6.27
C ASP B 108 18.39 1.19 5.10
N THR B 109 18.95 1.23 3.90
CA THR B 109 18.21 0.85 2.70
C THR B 109 18.88 -0.36 2.03
N GLU B 110 18.07 -1.37 1.73
CA GLU B 110 18.55 -2.57 1.06
C GLU B 110 17.80 -2.69 -0.27
N ALA B 111 18.56 -2.80 -1.36
CA ALA B 111 17.98 -2.92 -2.69
C ALA B 111 18.64 -4.06 -3.45
N ILE B 112 17.88 -4.66 -4.38
CA ILE B 112 18.37 -5.76 -5.19
C ILE B 112 19.23 -5.29 -6.37
N MET C 1 4.69 5.15 -4.62
CA MET C 1 3.82 5.14 -3.41
C MET C 1 4.46 4.27 -2.35
N LYS C 2 4.63 4.80 -1.14
CA LYS C 2 5.24 4.03 -0.07
C LYS C 2 4.44 4.00 1.22
N LYS C 3 4.45 2.85 1.86
CA LYS C 3 3.80 2.66 3.14
C LYS C 3 4.87 3.03 4.16
N VAL C 4 4.56 4.00 5.00
CA VAL C 4 5.48 4.43 6.04
C VAL C 4 4.85 4.01 7.38
N GLU C 5 5.47 3.06 8.06
N GLU C 5 5.47 3.07 8.07
CA GLU C 5 4.94 2.62 9.35
CA GLU C 5 4.95 2.61 9.35
C GLU C 5 5.97 2.86 10.46
C GLU C 5 5.96 2.84 10.48
N ALA C 6 5.56 3.63 11.46
CA ALA C 6 6.43 3.95 12.58
C ALA C 6 5.96 3.33 13.87
N ILE C 7 6.88 2.72 14.60
CA ILE C 7 6.59 2.10 15.89
C ILE C 7 7.17 3.09 16.90
N ILE C 8 6.29 3.80 17.58
CA ILE C 8 6.72 4.83 18.52
C ILE C 8 6.25 4.64 19.96
N ARG C 9 6.83 5.43 20.86
CA ARG C 9 6.43 5.41 22.27
C ARG C 9 5.03 6.03 22.22
N PRO C 10 4.08 5.47 22.98
CA PRO C 10 2.69 5.95 23.00
C PRO C 10 2.50 7.44 23.29
N PHE C 11 3.36 8.00 24.13
CA PHE C 11 3.22 9.42 24.46
C PHE C 11 3.67 10.36 23.35
N LYS C 12 4.17 9.79 22.26
CA LYS C 12 4.62 10.59 21.13
C LYS C 12 3.53 10.71 20.06
N LEU C 13 2.38 10.09 20.29
CA LEU C 13 1.26 10.14 19.34
C LEU C 13 0.86 11.55 18.92
N ASP C 14 0.54 12.39 19.91
CA ASP C 14 0.13 13.76 19.62
C ASP C 14 1.14 14.58 18.82
N GLU C 15 2.42 14.56 19.18
N GLU C 15 2.41 14.51 19.21
CA GLU C 15 3.41 15.33 18.43
CA GLU C 15 3.48 15.25 18.54
C GLU C 15 3.62 14.77 17.03
C GLU C 15 3.69 14.75 17.11
N VAL C 16 3.54 13.45 16.90
CA VAL C 16 3.70 12.83 15.58
C VAL C 16 2.51 13.27 14.73
N LYS C 17 1.32 13.26 15.33
CA LYS C 17 0.11 13.66 14.65
C LYS C 17 0.24 15.11 14.16
N ILE C 18 0.77 15.98 15.02
CA ILE C 18 0.96 17.38 14.67
C ILE C 18 1.96 17.51 13.53
N ALA C 19 3.08 16.81 13.64
CA ALA C 19 4.13 16.85 12.62
C ALA C 19 3.58 16.41 11.27
N LEU C 20 2.80 15.32 11.28
CA LEU C 20 2.20 14.79 10.06
C LEU C 20 1.23 15.76 9.41
N VAL C 21 0.36 16.39 10.21
CA VAL C 21 -0.59 17.36 9.69
C VAL C 21 0.15 18.54 9.06
N ASN C 22 1.11 19.10 9.79
CA ASN C 22 1.90 20.22 9.29
C ASN C 22 2.66 19.86 8.03
N ALA C 23 2.94 18.56 7.86
CA ALA C 23 3.66 18.08 6.68
C ALA C 23 2.75 17.81 5.48
N GLY C 24 1.46 18.11 5.64
CA GLY C 24 0.51 17.89 4.55
C GLY C 24 -0.09 16.49 4.48
N ILE C 25 0.22 15.65 5.45
CA ILE C 25 -0.30 14.29 5.48
C ILE C 25 -1.69 14.28 6.11
N VAL C 26 -2.66 13.73 5.39
CA VAL C 26 -4.03 13.65 5.88
C VAL C 26 -4.47 12.20 6.00
N GLY C 27 -4.58 11.75 7.25
CA GLY C 27 -5.01 10.39 7.49
C GLY C 27 -3.90 9.48 7.95
N MET C 28 -4.13 8.81 9.08
CA MET C 28 -3.17 7.86 9.61
C MET C 28 -3.95 6.81 10.37
N THR C 29 -3.36 5.63 10.48
CA THR C 29 -4.01 4.54 11.19
C THR C 29 -3.09 4.22 12.36
N VAL C 30 -3.68 4.13 13.54
CA VAL C 30 -2.92 3.86 14.75
C VAL C 30 -3.39 2.58 15.43
N SER C 31 -2.42 1.75 15.79
CA SER C 31 -2.70 0.50 16.47
C SER C 31 -1.77 0.30 17.66
N GLU C 32 -2.26 -0.37 18.68
CA GLU C 32 -1.47 -0.63 19.87
C GLU C 32 -0.72 -1.94 19.69
N VAL C 33 0.60 -1.90 19.92
CA VAL C 33 1.43 -3.09 19.78
C VAL C 33 2.43 -3.17 20.94
N ARG C 34 2.97 -4.36 21.17
CA ARG C 34 3.97 -4.55 22.21
C ARG C 34 5.31 -4.78 21.53
N GLY C 35 6.26 -3.89 21.80
CA GLY C 35 7.57 -4.02 21.22
C GLY C 35 8.55 -4.70 22.16
N PHE C 36 9.03 -5.88 21.75
CA PHE C 36 10.00 -6.63 22.56
C PHE C 36 11.43 -6.28 22.13
N PHE C 55 9.15 -6.23 27.64
CA PHE C 55 8.61 -5.46 26.53
C PHE C 55 8.15 -4.08 26.97
N LEU C 56 7.63 -3.31 26.01
CA LEU C 56 7.12 -1.96 26.26
C LEU C 56 5.97 -1.71 25.32
N GLN C 57 4.95 -1.00 25.81
CA GLN C 57 3.81 -0.66 24.98
C GLN C 57 4.28 0.35 23.94
N LYS C 58 3.90 0.12 22.70
CA LYS C 58 4.26 0.99 21.59
C LYS C 58 3.01 1.23 20.77
N LEU C 59 3.09 2.18 19.85
CA LEU C 59 1.99 2.47 18.95
C LEU C 59 2.53 2.40 17.54
N LYS C 60 1.77 1.76 16.67
CA LYS C 60 2.14 1.64 15.28
C LYS C 60 1.34 2.65 14.47
N ILE C 61 2.05 3.54 13.79
CA ILE C 61 1.42 4.55 12.97
C ILE C 61 1.63 4.22 11.51
N GLU C 62 0.55 4.16 10.75
CA GLU C 62 0.61 3.86 9.33
C GLU C 62 0.08 4.98 8.45
N ILE C 63 0.88 5.34 7.45
CA ILE C 63 0.47 6.35 6.48
C ILE C 63 1.02 5.91 5.14
N VAL C 64 0.42 6.40 4.06
CA VAL C 64 0.89 6.09 2.71
C VAL C 64 1.13 7.41 2.01
N VAL C 65 2.30 7.57 1.39
CA VAL C 65 2.64 8.80 0.70
C VAL C 65 3.39 8.56 -0.61
N ASP C 66 3.45 9.60 -1.45
CA ASP C 66 4.17 9.53 -2.73
C ASP C 66 5.66 9.52 -2.45
N GLU C 67 6.45 8.91 -3.34
CA GLU C 67 7.91 8.82 -3.17
C GLU C 67 8.60 10.13 -2.83
N GLY C 68 8.20 11.20 -3.51
CA GLY C 68 8.77 12.52 -3.30
C GLY C 68 8.50 13.13 -1.93
N GLN C 69 7.67 12.48 -1.12
CA GLN C 69 7.33 12.99 0.21
C GLN C 69 8.00 12.17 1.31
N VAL C 70 8.37 10.93 0.98
CA VAL C 70 8.98 10.01 1.94
C VAL C 70 10.08 10.60 2.83
N ASP C 71 11.14 11.13 2.21
CA ASP C 71 12.25 11.70 2.99
C ASP C 71 11.79 12.78 3.95
N MET C 72 10.97 13.70 3.45
CA MET C 72 10.45 14.80 4.25
C MET C 72 9.57 14.31 5.39
N VAL C 73 8.69 13.35 5.08
CA VAL C 73 7.80 12.79 6.08
C VAL C 73 8.59 12.00 7.14
N VAL C 74 9.56 11.21 6.70
CA VAL C 74 10.38 10.43 7.62
C VAL C 74 11.14 11.37 8.58
N ASP C 75 11.69 12.45 8.04
CA ASP C 75 12.43 13.41 8.84
C ASP C 75 11.55 14.05 9.91
N LYS C 76 10.33 14.42 9.54
CA LYS C 76 9.40 15.05 10.49
C LYS C 76 8.99 14.03 11.55
N LEU C 77 8.86 12.77 11.11
CA LEU C 77 8.49 11.67 11.97
C LEU C 77 9.58 11.40 13.00
N VAL C 78 10.83 11.39 12.55
CA VAL C 78 11.98 11.15 13.43
C VAL C 78 12.10 12.26 14.47
N SER C 79 12.04 13.50 14.00
CA SER C 79 12.15 14.66 14.89
C SER C 79 11.06 14.65 15.96
N ALA C 80 9.85 14.27 15.58
CA ALA C 80 8.72 14.23 16.51
C ALA C 80 8.73 13.06 17.49
N ALA C 81 9.11 11.88 17.01
CA ALA C 81 9.12 10.67 17.85
C ALA C 81 10.35 10.41 18.71
N ARG C 82 11.48 11.02 18.38
CA ARG C 82 12.71 10.79 19.14
C ARG C 82 12.77 11.42 20.53
N THR C 83 13.51 10.75 21.42
CA THR C 83 13.72 11.22 22.79
C THR C 83 15.24 11.18 23.01
N GLY C 84 15.91 10.35 22.22
CA GLY C 84 17.35 10.19 22.34
C GLY C 84 17.70 8.95 23.14
N GLU C 85 16.70 8.42 23.86
CA GLU C 85 16.86 7.23 24.68
C GLU C 85 16.63 5.96 23.87
N ILE C 86 17.34 4.89 24.23
CA ILE C 86 17.20 3.60 23.55
C ILE C 86 15.74 3.15 23.70
N GLY C 87 15.16 2.70 22.59
CA GLY C 87 13.79 2.26 22.61
C GLY C 87 12.86 3.25 21.93
N ASP C 88 13.42 4.20 21.19
CA ASP C 88 12.62 5.20 20.48
C ASP C 88 11.78 4.57 19.37
N GLY C 89 12.19 3.39 18.92
CA GLY C 89 11.44 2.70 17.87
C GLY C 89 12.06 2.79 16.51
N LYS C 90 11.29 2.40 15.50
CA LYS C 90 11.75 2.41 14.12
C LYS C 90 10.66 2.74 13.13
N ILE C 91 11.09 3.09 11.92
CA ILE C 91 10.19 3.43 10.83
C ILE C 91 10.57 2.51 9.67
N PHE C 92 9.56 1.85 9.09
CA PHE C 92 9.76 0.95 7.96
C PHE C 92 9.09 1.55 6.72
N ILE C 93 9.82 1.57 5.61
CA ILE C 93 9.31 2.10 4.36
C ILE C 93 9.14 0.92 3.41
N SER C 94 7.92 0.71 2.91
CA SER C 94 7.66 -0.41 2.00
C SER C 94 6.77 -0.02 0.84
N PRO C 95 6.82 -0.77 -0.27
CA PRO C 95 6.00 -0.45 -1.44
C PRO C 95 4.51 -0.75 -1.25
N VAL C 96 3.70 0.09 -1.89
CA VAL C 96 2.25 -0.02 -1.89
C VAL C 96 1.85 0.16 -3.36
N ASP C 97 0.98 -0.72 -3.85
CA ASP C 97 0.53 -0.65 -5.24
C ASP C 97 -0.61 0.36 -5.39
N SER C 98 -1.60 0.25 -4.50
CA SER C 98 -2.77 1.11 -4.55
C SER C 98 -3.34 1.51 -3.22
N VAL C 99 -4.06 2.63 -3.25
CA VAL C 99 -4.76 3.18 -2.11
C VAL C 99 -6.18 3.41 -2.64
N VAL C 100 -7.16 2.81 -1.97
CA VAL C 100 -8.56 2.96 -2.38
C VAL C 100 -9.31 3.73 -1.31
N ARG C 101 -10.02 4.77 -1.72
CA ARG C 101 -10.82 5.54 -0.77
C ARG C 101 -12.20 4.91 -0.82
N ILE C 102 -12.59 4.29 0.29
CA ILE C 102 -13.87 3.58 0.37
C ILE C 102 -15.10 4.46 0.08
N ARG C 103 -15.13 5.66 0.65
CA ARG C 103 -16.25 6.57 0.47
C ARG C 103 -16.58 6.87 -1.01
N THR C 104 -15.55 7.06 -1.82
CA THR C 104 -15.74 7.37 -3.22
C THR C 104 -15.50 6.21 -4.17
N GLY C 105 -14.86 5.16 -3.67
CA GLY C 105 -14.56 4.00 -4.49
C GLY C 105 -13.38 4.30 -5.43
N GLU C 106 -12.72 5.43 -5.22
CA GLU C 106 -11.60 5.81 -6.06
C GLU C 106 -10.34 5.03 -5.70
N LYS C 107 -9.79 4.36 -6.72
CA LYS C 107 -8.57 3.58 -6.59
C LYS C 107 -7.40 4.32 -7.26
N ASP C 108 -6.38 4.63 -6.46
CA ASP C 108 -5.17 5.33 -6.92
C ASP C 108 -4.04 4.32 -6.97
N THR C 109 -3.57 4.03 -8.18
CA THR C 109 -2.52 3.04 -8.40
C THR C 109 -1.23 3.57 -9.01
N GLU C 110 -0.11 3.09 -8.49
CA GLU C 110 1.21 3.47 -8.98
C GLU C 110 2.11 2.24 -9.14
N ALA C 111 2.97 2.27 -10.14
CA ALA C 111 3.89 1.16 -10.37
C ALA C 111 4.80 1.08 -9.13
N ILE C 112 5.23 -0.12 -8.77
CA ILE C 112 6.11 -0.26 -7.61
C ILE C 112 7.56 0.07 -7.94
N MET D 1 -12.38 1.76 -28.63
CA MET D 1 -11.34 2.82 -28.66
C MET D 1 -11.54 3.83 -27.55
N LYS D 2 -10.46 4.53 -27.21
CA LYS D 2 -10.50 5.54 -26.16
C LYS D 2 -9.97 6.87 -26.64
N LYS D 3 -10.49 7.93 -26.01
CA LYS D 3 -10.04 9.29 -26.27
C LYS D 3 -8.97 9.50 -25.20
N VAL D 4 -7.79 9.95 -25.61
CA VAL D 4 -6.71 10.20 -24.66
C VAL D 4 -6.42 11.69 -24.73
N GLU D 5 -6.70 12.38 -23.64
CA GLU D 5 -6.52 13.82 -23.55
C GLU D 5 -5.39 14.09 -22.57
N ALA D 6 -4.24 14.52 -23.09
CA ALA D 6 -3.09 14.81 -22.23
C ALA D 6 -2.87 16.31 -22.06
N ILE D 7 -2.72 16.72 -20.80
CA ILE D 7 -2.50 18.13 -20.46
C ILE D 7 -1.03 18.19 -20.05
N ILE D 8 -0.22 18.81 -20.90
CA ILE D 8 1.24 18.86 -20.68
C ILE D 8 1.88 20.24 -20.72
N ARG D 9 3.12 20.31 -20.22
CA ARG D 9 3.89 21.55 -20.24
C ARG D 9 4.14 21.80 -21.72
N PRO D 10 3.95 23.06 -22.17
CA PRO D 10 4.14 23.43 -23.57
C PRO D 10 5.46 22.99 -24.17
N PHE D 11 6.55 23.13 -23.42
CA PHE D 11 7.87 22.75 -23.95
C PHE D 11 8.06 21.25 -24.15
N LYS D 12 7.06 20.46 -23.78
CA LYS D 12 7.15 19.02 -23.94
C LYS D 12 6.45 18.50 -25.18
N LEU D 13 5.83 19.41 -25.94
CA LEU D 13 5.12 19.03 -27.16
C LEU D 13 5.99 18.20 -28.11
N ASP D 14 7.18 18.70 -28.44
CA ASP D 14 8.08 18.00 -29.35
C ASP D 14 8.41 16.58 -28.88
N GLU D 15 8.73 16.47 -27.59
N GLU D 15 8.74 16.45 -27.60
CA GLU D 15 9.05 15.19 -26.96
CA GLU D 15 9.08 15.16 -27.03
C GLU D 15 7.88 14.23 -27.07
C GLU D 15 7.88 14.21 -27.08
N VAL D 16 6.71 14.74 -26.75
CA VAL D 16 5.48 13.95 -26.78
C VAL D 16 5.14 13.54 -28.20
N LYS D 17 5.29 14.46 -29.15
CA LYS D 17 5.00 14.17 -30.55
C LYS D 17 5.83 12.98 -31.04
N ILE D 18 7.12 13.00 -30.75
CA ILE D 18 8.03 11.92 -31.15
C ILE D 18 7.58 10.59 -30.55
N ALA D 19 7.22 10.61 -29.27
CA ALA D 19 6.78 9.40 -28.59
C ALA D 19 5.51 8.83 -29.24
N LEU D 20 4.58 9.71 -29.60
CA LEU D 20 3.34 9.29 -30.23
C LEU D 20 3.58 8.73 -31.63
N VAL D 21 4.48 9.35 -32.38
CA VAL D 21 4.81 8.88 -33.72
C VAL D 21 5.44 7.50 -33.63
N ASN D 22 6.38 7.33 -32.69
CA ASN D 22 7.04 6.04 -32.49
C ASN D 22 6.02 5.00 -32.00
N ALA D 23 5.01 5.46 -31.26
CA ALA D 23 3.98 4.59 -30.74
C ALA D 23 2.94 4.19 -31.79
N GLY D 24 3.11 4.70 -33.01
CA GLY D 24 2.19 4.38 -34.09
C GLY D 24 0.97 5.29 -34.20
N ILE D 25 0.93 6.36 -33.42
CA ILE D 25 -0.18 7.29 -33.46
C ILE D 25 -0.03 8.28 -34.60
N VAL D 26 -1.06 8.36 -35.43
CA VAL D 26 -1.05 9.29 -36.55
C VAL D 26 -2.14 10.34 -36.36
N GLY D 27 -1.71 11.57 -36.13
CA GLY D 27 -2.66 12.64 -35.95
C GLY D 27 -2.98 12.93 -34.49
N MET D 28 -3.02 14.21 -34.17
CA MET D 28 -3.33 14.68 -32.84
C MET D 28 -3.80 16.12 -32.99
N THR D 29 -4.59 16.58 -32.02
CA THR D 29 -5.05 17.96 -32.07
C THR D 29 -4.56 18.63 -30.78
N VAL D 30 -3.90 19.77 -30.96
CA VAL D 30 -3.31 20.52 -29.85
C VAL D 30 -4.00 21.84 -29.61
N SER D 31 -4.14 22.20 -28.34
CA SER D 31 -4.76 23.48 -27.98
C SER D 31 -4.17 24.03 -26.68
N GLU D 32 -4.27 25.34 -26.52
CA GLU D 32 -3.75 26.01 -25.34
C GLU D 32 -4.77 26.04 -24.23
N VAL D 33 -4.34 25.69 -23.02
CA VAL D 33 -5.22 25.71 -21.87
C VAL D 33 -4.43 26.23 -20.69
N ARG D 34 -5.14 26.57 -19.62
CA ARG D 34 -4.50 27.02 -18.39
C ARG D 34 -4.79 25.94 -17.36
N GLY D 35 -3.74 25.40 -16.76
CA GLY D 35 -3.92 24.37 -15.76
C GLY D 35 -3.84 24.94 -14.36
N PHE D 36 -4.90 24.75 -13.59
CA PHE D 36 -4.95 25.24 -12.20
C PHE D 36 -4.70 24.05 -11.29
N GLY D 37 -3.74 24.19 -10.38
CA GLY D 37 -3.42 23.12 -9.47
C GLY D 37 -4.01 23.25 -8.07
N ARG D 38 -3.44 22.52 -7.12
CA ARG D 38 -3.89 22.55 -5.73
C ARG D 38 -3.41 23.80 -5.01
N GLU D 54 -0.31 28.53 -8.64
CA GLU D 54 -1.56 29.13 -9.11
C GLU D 54 -1.97 28.48 -10.44
N PHE D 55 -1.78 29.19 -11.54
CA PHE D 55 -2.11 28.65 -12.86
C PHE D 55 -0.88 28.64 -13.77
N LEU D 56 -0.76 27.61 -14.59
CA LEU D 56 0.35 27.49 -15.53
C LEU D 56 -0.18 27.25 -16.93
N GLN D 57 0.48 27.83 -17.93
CA GLN D 57 0.06 27.64 -19.31
C GLN D 57 0.39 26.20 -19.68
N LYS D 58 -0.52 25.54 -20.37
CA LYS D 58 -0.31 24.17 -20.79
C LYS D 58 -0.93 23.91 -22.14
N LEU D 59 -0.62 22.75 -22.70
CA LEU D 59 -1.17 22.35 -23.98
C LEU D 59 -1.97 21.09 -23.80
N LYS D 60 -3.11 21.04 -24.48
CA LYS D 60 -3.96 19.86 -24.44
C LYS D 60 -3.73 19.10 -25.73
N ILE D 61 -3.41 17.82 -25.60
CA ILE D 61 -3.18 16.96 -26.73
C ILE D 61 -4.31 15.93 -26.74
N GLU D 62 -5.00 15.83 -27.86
CA GLU D 62 -6.08 14.86 -28.01
C GLU D 62 -5.77 13.85 -29.09
N ILE D 63 -5.91 12.58 -28.76
CA ILE D 63 -5.70 11.49 -29.71
C ILE D 63 -6.73 10.42 -29.40
N VAL D 64 -6.87 9.46 -30.32
CA VAL D 64 -7.77 8.34 -30.14
C VAL D 64 -6.92 7.10 -30.36
N VAL D 65 -7.10 6.11 -29.51
CA VAL D 65 -6.31 4.88 -29.58
C VAL D 65 -7.20 3.67 -29.43
N ASP D 66 -6.88 2.62 -30.18
CA ASP D 66 -7.64 1.39 -30.10
C ASP D 66 -7.41 0.76 -28.72
N GLU D 67 -8.45 0.09 -28.24
CA GLU D 67 -8.46 -0.57 -26.93
C GLU D 67 -7.16 -1.22 -26.48
N GLY D 68 -6.64 -2.13 -27.29
CA GLY D 68 -5.41 -2.85 -26.94
C GLY D 68 -4.11 -2.08 -26.90
N GLN D 69 -4.11 -0.83 -27.34
CA GLN D 69 -2.88 -0.04 -27.35
C GLN D 69 -2.90 1.16 -26.39
N VAL D 70 -4.01 1.34 -25.67
CA VAL D 70 -4.16 2.46 -24.75
C VAL D 70 -3.11 2.55 -23.65
N ASP D 71 -2.94 1.47 -22.89
CA ASP D 71 -1.96 1.45 -21.81
C ASP D 71 -0.55 1.74 -22.31
N MET D 72 -0.19 1.13 -23.43
CA MET D 72 1.13 1.32 -24.02
C MET D 72 1.34 2.78 -24.43
N VAL D 73 0.38 3.32 -25.18
CA VAL D 73 0.49 4.72 -25.63
C VAL D 73 0.55 5.70 -24.46
N VAL D 74 -0.28 5.48 -23.44
CA VAL D 74 -0.31 6.35 -22.27
C VAL D 74 1.00 6.28 -21.51
N ASP D 75 1.61 5.09 -21.44
CA ASP D 75 2.88 4.93 -20.75
C ASP D 75 3.97 5.73 -21.47
N LYS D 76 3.95 5.71 -22.81
CA LYS D 76 4.93 6.46 -23.60
C LYS D 76 4.73 7.95 -23.44
N LEU D 77 3.45 8.36 -23.43
CA LEU D 77 3.12 9.78 -23.28
C LEU D 77 3.58 10.30 -21.93
N VAL D 78 3.37 9.50 -20.88
CA VAL D 78 3.78 9.90 -19.54
C VAL D 78 5.30 10.06 -19.45
N SER D 79 6.04 9.07 -19.95
CA SER D 79 7.51 9.11 -19.92
C SER D 79 8.06 10.32 -20.67
N ALA D 80 7.42 10.69 -21.77
CA ALA D 80 7.86 11.83 -22.58
C ALA D 80 7.52 13.19 -21.98
N ALA D 81 6.33 13.31 -21.38
CA ALA D 81 5.88 14.57 -20.79
C ALA D 81 6.35 14.86 -19.37
N ARG D 82 6.80 13.83 -18.66
CA ARG D 82 7.24 13.99 -17.28
C ARG D 82 8.55 14.76 -17.10
N THR D 83 8.63 15.52 -16.01
CA THR D 83 9.85 16.26 -15.67
C THR D 83 10.25 15.88 -14.25
N GLY D 84 9.27 15.43 -13.47
CA GLY D 84 9.54 15.04 -12.08
C GLY D 84 9.15 16.14 -11.11
N GLU D 85 8.90 17.34 -11.63
CA GLU D 85 8.53 18.47 -10.79
C GLU D 85 7.01 18.68 -10.78
N ILE D 86 6.51 19.21 -9.67
CA ILE D 86 5.07 19.48 -9.52
C ILE D 86 4.56 20.35 -10.66
N GLY D 87 3.42 19.93 -11.23
CA GLY D 87 2.82 20.67 -12.33
C GLY D 87 3.07 20.03 -13.68
N ASP D 88 3.36 18.72 -13.66
CA ASP D 88 3.62 17.98 -14.89
C ASP D 88 2.38 17.73 -15.74
N GLY D 89 1.21 17.94 -15.15
CA GLY D 89 -0.03 17.74 -15.89
C GLY D 89 -0.69 16.40 -15.66
N LYS D 90 -1.65 16.07 -16.52
CA LYS D 90 -2.37 14.83 -16.40
C LYS D 90 -3.02 14.37 -17.68
N ILE D 91 -3.46 13.12 -17.68
CA ILE D 91 -4.09 12.51 -18.84
C ILE D 91 -5.46 11.94 -18.49
N PHE D 92 -6.44 12.27 -19.34
CA PHE D 92 -7.81 11.82 -19.18
C PHE D 92 -8.08 10.75 -20.22
N ILE D 93 -8.59 9.60 -19.77
CA ILE D 93 -8.91 8.53 -20.72
C ILE D 93 -10.42 8.33 -20.66
N SER D 94 -11.09 8.46 -21.81
CA SER D 94 -12.53 8.31 -21.87
C SER D 94 -12.99 7.52 -23.11
N PRO D 95 -14.23 7.03 -23.12
CA PRO D 95 -14.70 6.28 -24.28
C PRO D 95 -15.07 7.14 -25.47
N VAL D 96 -14.85 6.60 -26.67
CA VAL D 96 -15.19 7.25 -27.93
C VAL D 96 -15.85 6.15 -28.77
N ASP D 97 -16.98 6.47 -29.38
CA ASP D 97 -17.72 5.51 -30.19
C ASP D 97 -17.15 5.37 -31.60
N SER D 98 -16.73 6.49 -32.18
CA SER D 98 -16.16 6.46 -33.53
C SER D 98 -15.49 7.76 -33.90
N VAL D 99 -14.71 7.67 -34.98
CA VAL D 99 -13.99 8.79 -35.55
C VAL D 99 -14.39 8.83 -37.02
N VAL D 100 -14.79 9.99 -37.50
CA VAL D 100 -15.19 10.11 -38.90
C VAL D 100 -14.23 11.05 -39.60
N ARG D 101 -13.62 10.55 -40.67
CA ARG D 101 -12.68 11.33 -41.47
C ARG D 101 -13.50 12.17 -42.45
N ILE D 102 -13.42 13.49 -42.29
CA ILE D 102 -14.20 14.40 -43.12
C ILE D 102 -13.99 14.32 -44.63
N ARG D 103 -12.74 14.19 -45.06
CA ARG D 103 -12.42 14.12 -46.49
C ARG D 103 -13.08 12.98 -47.27
N THR D 104 -13.06 11.78 -46.71
CA THR D 104 -13.62 10.61 -47.37
C THR D 104 -14.91 10.11 -46.74
N GLY D 105 -15.27 10.66 -45.58
CA GLY D 105 -16.48 10.21 -44.91
C GLY D 105 -16.27 8.86 -44.25
N GLU D 106 -15.03 8.39 -44.20
CA GLU D 106 -14.72 7.10 -43.60
C GLU D 106 -14.97 7.13 -42.10
N LYS D 107 -15.71 6.14 -41.61
CA LYS D 107 -16.05 6.02 -40.19
C LYS D 107 -15.28 4.85 -39.56
N ASP D 108 -14.56 5.14 -38.49
CA ASP D 108 -13.78 4.13 -37.78
C ASP D 108 -14.43 3.80 -36.46
N THR D 109 -14.66 2.50 -36.24
CA THR D 109 -15.25 1.99 -35.02
C THR D 109 -14.44 0.80 -34.55
N GLU D 110 -14.70 0.35 -33.32
CA GLU D 110 -14.01 -0.81 -32.78
C GLU D 110 -14.93 -1.65 -31.90
#